data_8SNI
#
_entry.id   8SNI
#
_cell.length_a   76.527
_cell.length_b   81.884
_cell.length_c   90.929
_cell.angle_alpha   90.000
_cell.angle_beta   90.000
_cell.angle_gamma   90.000
#
_symmetry.space_group_name_H-M   'P 21 21 21'
#
loop_
_entity.id
_entity.type
_entity.pdbx_description
1 polymer '(S)-hydroxynitrile lyase'
2 non-polymer 1,2-ETHANEDIOL
3 non-polymer 'SULFATE ION'
4 non-polymer PROLINE
5 water water
#
_entity_poly.entity_id   1
_entity_poly.type   'polypeptide(L)'
_entity_poly.pdbx_seq_one_letter_code
;MGSSHHHHHHSSGLVPRGSHMASMTGGQQMGRGSMAFAHFVLVHGACHGAWSWHKLKPLLEALGHKVTALDLAASGVDPR
QIEEIGSFDEYSEPLLTFLEALPPGEKVILVGHSLGGMNIAIAADKYCEKIAAAVFLAAFLPDTEHCPSYVLDKYNEVTP
AENWLDTTFFTYTKDGKEITGMFFGPKFLAHKLYQLCGPEEYELAKMLVRKSSLFMNILAKRPFFTKEGYGSIKKIYVWT
DQDKGIPPEFQLWQIENYKPDKVYKVEGGDHMAMLTKTKEIAEILQEVADTYN
;
_entity_poly.pdbx_strand_id   A,B
#
# COMPACT_ATOMS: atom_id res chain seq x y z
N MET A 35 10.91 -4.40 -7.20
CA MET A 35 10.71 -4.25 -5.77
C MET A 35 11.53 -5.29 -5.02
N ALA A 36 12.18 -4.90 -3.92
CA ALA A 36 12.93 -5.82 -3.08
C ALA A 36 12.03 -6.34 -1.96
N PHE A 37 12.21 -7.61 -1.61
CA PHE A 37 11.47 -8.23 -0.51
C PHE A 37 12.22 -7.97 0.80
N ALA A 38 11.51 -7.41 1.78
CA ALA A 38 12.08 -7.16 3.09
C ALA A 38 11.24 -7.86 4.16
N HIS A 39 11.84 -7.97 5.35
CA HIS A 39 11.17 -8.45 6.56
C HIS A 39 11.05 -7.25 7.48
N PHE A 40 9.85 -6.66 7.57
CA PHE A 40 9.59 -5.55 8.49
C PHE A 40 9.22 -6.09 9.86
N VAL A 41 9.78 -5.45 10.90
CA VAL A 41 9.41 -5.73 12.29
C VAL A 41 8.87 -4.41 12.83
N LEU A 42 7.56 -4.38 13.08
CA LEU A 42 6.83 -3.17 13.48
C LEU A 42 6.69 -3.14 14.99
N VAL A 43 7.05 -2.01 15.60
CA VAL A 43 7.15 -1.88 17.06
C VAL A 43 6.32 -0.68 17.53
N HIS A 44 5.26 -0.95 18.29
CA HIS A 44 4.31 0.06 18.73
C HIS A 44 4.91 0.97 19.80
N GLY A 45 4.14 2.00 20.17
CA GLY A 45 4.50 2.93 21.21
C GLY A 45 3.75 2.71 22.52
N ALA A 46 3.88 3.68 23.41
CA ALA A 46 3.35 3.55 24.77
C ALA A 46 1.85 3.25 24.76
N CYS A 47 1.44 2.36 25.66
CA CYS A 47 0.05 2.01 25.96
C CYS A 47 -0.63 1.25 24.82
N HIS A 48 0.06 1.02 23.73
CA HIS A 48 -0.52 0.42 22.53
C HIS A 48 0.02 -1.01 22.36
N GLY A 49 -0.21 -1.57 21.18
CA GLY A 49 0.18 -2.95 20.97
C GLY A 49 0.35 -3.24 19.50
N ALA A 50 0.55 -4.53 19.17
CA ALA A 50 0.72 -4.87 17.77
C ALA A 50 -0.53 -4.49 16.98
N TRP A 51 -1.70 -4.48 17.64
CA TRP A 51 -2.96 -4.14 17.00
C TRP A 51 -2.94 -2.77 16.34
N SER A 52 -2.10 -1.85 16.83
CA SER A 52 -1.90 -0.56 16.15
C SER A 52 -1.55 -0.71 14.67
N TRP A 53 -0.86 -1.80 14.32
CA TRP A 53 -0.38 -2.04 12.96
C TRP A 53 -1.37 -2.81 12.09
N HIS A 54 -2.63 -2.93 12.52
CA HIS A 54 -3.55 -3.85 11.86
C HIS A 54 -3.95 -3.40 10.45
N LYS A 55 -3.83 -2.11 10.11
CA LYS A 55 -4.08 -1.65 8.76
C LYS A 55 -2.84 -1.75 7.87
N LEU A 56 -1.66 -1.42 8.42
CA LEU A 56 -0.44 -1.42 7.63
C LEU A 56 0.06 -2.83 7.34
N LYS A 57 0.03 -3.72 8.33
CA LYS A 57 0.64 -5.04 8.13
C LYS A 57 0.06 -5.76 6.91
N PRO A 58 -1.26 -5.89 6.75
CA PRO A 58 -1.78 -6.57 5.55
C PRO A 58 -1.37 -5.93 4.24
N LEU A 59 -1.21 -4.60 4.22
CA LEU A 59 -0.81 -3.94 2.97
C LEU A 59 0.64 -4.28 2.63
N LEU A 60 1.52 -4.29 3.63
CA LEU A 60 2.90 -4.66 3.39
C LEU A 60 3.01 -6.11 2.92
N GLU A 61 2.20 -7.01 3.48
CA GLU A 61 2.26 -8.41 3.07
C GLU A 61 1.72 -8.60 1.65
N ALA A 62 0.68 -7.85 1.29
CA ALA A 62 0.13 -7.91 -0.06
C ALA A 62 1.16 -7.49 -1.09
N LEU A 63 2.01 -6.52 -0.75
CA LEU A 63 3.11 -6.15 -1.63
C LEU A 63 4.20 -7.20 -1.66
N GLY A 64 4.12 -8.21 -0.81
CA GLY A 64 5.05 -9.33 -0.85
C GLY A 64 6.09 -9.35 0.24
N HIS A 65 5.96 -8.53 1.29
CA HIS A 65 6.99 -8.54 2.32
C HIS A 65 6.60 -9.47 3.47
N LYS A 66 7.60 -9.82 4.27
CA LYS A 66 7.36 -10.50 5.54
C LYS A 66 7.20 -9.44 6.61
N VAL A 67 6.18 -9.59 7.45
CA VAL A 67 5.89 -8.58 8.46
C VAL A 67 5.70 -9.30 9.78
N THR A 68 6.37 -8.79 10.81
CA THR A 68 6.19 -9.20 12.19
C THR A 68 5.71 -7.98 12.97
N ALA A 69 4.62 -8.14 13.72
CA ALA A 69 4.14 -7.08 14.60
C ALA A 69 4.10 -7.64 16.01
N LEU A 70 4.95 -7.11 16.89
CA LEU A 70 5.13 -7.64 18.24
C LEU A 70 4.38 -6.83 19.28
N ASP A 71 3.84 -7.53 20.29
CA ASP A 71 3.48 -6.90 21.55
C ASP A 71 4.74 -6.78 22.40
N LEU A 72 5.07 -5.57 22.84
CA LEU A 72 6.12 -5.44 23.84
C LEU A 72 5.61 -5.96 25.18
N ALA A 73 6.51 -6.05 26.16
CA ALA A 73 6.09 -6.57 27.46
C ALA A 73 4.93 -5.74 27.98
N ALA A 74 3.95 -6.43 28.57
CA ALA A 74 2.81 -5.80 29.23
C ALA A 74 1.98 -4.95 28.27
N SER A 75 2.04 -5.25 26.97
CA SER A 75 1.33 -4.47 25.97
C SER A 75 0.47 -5.40 25.12
N GLY A 76 -0.57 -4.83 24.52
CA GLY A 76 -1.42 -5.65 23.66
C GLY A 76 -2.05 -6.75 24.47
N VAL A 77 -1.85 -8.00 24.05
CA VAL A 77 -2.36 -9.13 24.81
C VAL A 77 -1.24 -9.89 25.52
N ASP A 78 -0.05 -9.28 25.65
CA ASP A 78 1.00 -9.88 26.45
C ASP A 78 0.50 -10.11 27.88
N PRO A 79 0.75 -11.28 28.46
CA PRO A 79 0.14 -11.64 29.75
C PRO A 79 0.74 -10.94 30.97
N ARG A 80 1.85 -10.22 30.85
CA ARG A 80 2.42 -9.52 32.01
C ARG A 80 1.73 -8.17 32.24
N GLN A 81 1.73 -7.71 33.50
CA GLN A 81 1.33 -6.34 33.82
C GLN A 81 2.57 -5.45 33.99
N ILE A 82 2.37 -4.13 33.90
CA ILE A 82 3.52 -3.23 33.83
C ILE A 82 4.33 -3.30 35.12
N GLU A 83 3.69 -3.63 36.25
CA GLU A 83 4.41 -3.70 37.52
C GLU A 83 5.45 -4.82 37.55
N GLU A 84 5.36 -5.82 36.68
CA GLU A 84 6.40 -6.83 36.59
C GLU A 84 7.60 -6.38 35.78
N ILE A 85 7.53 -5.23 35.12
CA ILE A 85 8.57 -4.78 34.21
C ILE A 85 9.44 -3.77 34.95
N GLY A 86 10.74 -4.08 35.05
CA GLY A 86 11.65 -3.29 35.84
C GLY A 86 12.59 -2.38 35.10
N SER A 87 12.52 -2.32 33.77
CA SER A 87 13.44 -1.50 33.00
C SER A 87 13.00 -1.47 31.55
N PHE A 88 13.57 -0.52 30.81
CA PHE A 88 13.24 -0.44 29.39
C PHE A 88 13.69 -1.69 28.66
N ASP A 89 14.81 -2.29 29.10
CA ASP A 89 15.31 -3.51 28.46
C ASP A 89 14.34 -4.67 28.66
N GLU A 90 13.74 -4.81 29.85
CA GLU A 90 12.70 -5.83 30.01
C GLU A 90 11.47 -5.51 29.18
N TYR A 91 11.05 -4.24 29.16
CA TYR A 91 9.93 -3.85 28.32
C TYR A 91 10.17 -4.26 26.86
N SER A 92 11.43 -4.26 26.42
CA SER A 92 11.79 -4.58 25.05
C SER A 92 11.99 -6.08 24.83
N GLU A 93 11.81 -6.91 25.86
CA GLU A 93 12.18 -8.32 25.79
C GLU A 93 11.59 -9.03 24.56
N PRO A 94 10.30 -8.87 24.20
CA PRO A 94 9.79 -9.61 23.04
C PRO A 94 10.54 -9.29 21.75
N LEU A 95 10.97 -8.04 21.60
CA LEU A 95 11.73 -7.65 20.41
C LEU A 95 13.12 -8.28 20.43
N LEU A 96 13.80 -8.21 21.57
CA LEU A 96 15.13 -8.81 21.65
C LEU A 96 15.04 -10.32 21.47
N THR A 97 14.03 -10.95 22.08
CA THR A 97 13.83 -12.40 21.97
C THR A 97 13.56 -12.79 20.53
N PHE A 98 12.69 -12.03 19.85
CA PHE A 98 12.45 -12.29 18.44
C PHE A 98 13.74 -12.19 17.64
N LEU A 99 14.50 -11.11 17.84
CA LEU A 99 15.72 -10.92 17.05
C LEU A 99 16.77 -11.98 17.36
N GLU A 100 16.87 -12.46 18.61
CA GLU A 100 17.79 -13.54 18.92
C GLU A 100 17.41 -14.83 18.19
N ALA A 101 16.15 -15.01 17.81
CA ALA A 101 15.75 -16.22 17.11
C ALA A 101 15.79 -16.07 15.60
N LEU A 102 16.14 -14.89 15.09
CA LEU A 102 16.33 -14.74 13.65
C LEU A 102 17.44 -15.68 13.17
N PRO A 103 17.18 -16.49 12.15
CA PRO A 103 18.24 -17.37 11.64
C PRO A 103 19.38 -16.57 11.09
N PRO A 104 20.59 -17.13 11.07
CA PRO A 104 21.77 -16.36 10.60
C PRO A 104 21.57 -15.88 9.17
N GLY A 105 22.17 -14.73 8.87
CA GLY A 105 22.07 -14.12 7.56
C GLY A 105 20.79 -13.35 7.30
N GLU A 106 19.74 -13.57 8.09
CA GLU A 106 18.51 -12.81 7.94
C GLU A 106 18.68 -11.41 8.53
N LYS A 107 18.37 -10.38 7.74
CA LYS A 107 18.27 -9.04 8.27
C LYS A 107 16.82 -8.57 8.22
N VAL A 108 16.50 -7.59 9.07
CA VAL A 108 15.15 -7.03 9.11
C VAL A 108 15.23 -5.51 9.04
N ILE A 109 14.11 -4.91 8.66
CA ILE A 109 13.94 -3.47 8.72
C ILE A 109 13.02 -3.18 9.91
N LEU A 110 13.58 -2.58 10.96
CA LEU A 110 12.78 -2.22 12.14
C LEU A 110 11.95 -0.98 11.85
N VAL A 111 10.69 -1.00 12.29
CA VAL A 111 9.84 0.18 12.22
C VAL A 111 9.26 0.44 13.60
N GLY A 112 9.59 1.58 14.16
CA GLY A 112 9.17 1.95 15.50
C GLY A 112 8.36 3.23 15.46
N HIS A 113 7.28 3.25 16.22
CA HIS A 113 6.38 4.37 16.28
C HIS A 113 6.46 4.96 17.67
N SER A 114 6.71 6.27 17.76
CA SER A 114 6.58 6.99 19.03
C SER A 114 7.58 6.42 20.04
N LEU A 115 7.14 5.96 21.21
CA LEU A 115 8.07 5.37 22.17
C LEU A 115 8.82 4.19 21.56
N GLY A 116 8.26 3.57 20.52
CA GLY A 116 8.90 2.45 19.85
C GLY A 116 10.27 2.78 19.30
N GLY A 117 10.57 4.06 19.10
CA GLY A 117 11.91 4.42 18.66
C GLY A 117 12.97 4.08 19.69
N MET A 118 12.60 4.14 20.97
CA MET A 118 13.51 3.77 22.05
C MET A 118 13.79 2.28 22.04
N ASN A 119 12.75 1.46 21.86
CA ASN A 119 12.93 0.01 21.79
C ASN A 119 13.84 -0.38 20.63
N ILE A 120 13.74 0.29 19.49
CA ILE A 120 14.55 -0.18 18.39
C ILE A 120 16.00 0.26 18.56
N ALA A 121 16.25 1.28 19.41
CA ALA A 121 17.63 1.61 19.80
C ALA A 121 18.22 0.51 20.66
N ILE A 122 17.47 0.06 21.66
CA ILE A 122 17.91 -1.03 22.53
C ILE A 122 18.19 -2.27 21.70
N ALA A 123 17.33 -2.53 20.71
CA ALA A 123 17.47 -3.72 19.88
C ALA A 123 18.69 -3.63 18.96
N ALA A 124 18.91 -2.46 18.36
CA ALA A 124 20.04 -2.30 17.45
C ALA A 124 21.37 -2.44 18.19
N ASP A 125 21.40 -2.11 19.47
CA ASP A 125 22.63 -2.15 20.24
C ASP A 125 23.03 -3.56 20.66
N LYS A 126 22.11 -4.51 20.61
CA LYS A 126 22.47 -5.90 20.83
C LYS A 126 22.56 -6.71 19.55
N TYR A 127 21.84 -6.34 18.49
CA TYR A 127 21.70 -7.17 17.31
C TYR A 127 21.89 -6.36 16.03
N CYS A 128 22.88 -5.48 15.99
CA CYS A 128 22.99 -4.59 14.84
C CYS A 128 23.31 -5.36 13.57
N GLU A 129 24.01 -6.50 13.68
CA GLU A 129 24.32 -7.34 12.52
C GLU A 129 23.07 -7.87 11.84
N LYS A 130 21.93 -7.86 12.54
CA LYS A 130 20.68 -8.35 11.99
C LYS A 130 19.77 -7.25 11.45
N ILE A 131 20.20 -5.99 11.44
CA ILE A 131 19.33 -4.86 11.12
C ILE A 131 19.77 -4.27 9.79
N ALA A 132 18.93 -4.39 8.77
CA ALA A 132 19.21 -3.70 7.51
C ALA A 132 19.02 -2.19 7.68
N ALA A 133 17.98 -1.78 8.40
CA ALA A 133 17.69 -0.37 8.58
C ALA A 133 16.65 -0.22 9.69
N ALA A 134 16.59 0.99 10.25
CA ALA A 134 15.62 1.30 11.29
C ALA A 134 14.83 2.52 10.85
N VAL A 135 13.51 2.36 10.78
CA VAL A 135 12.60 3.44 10.44
C VAL A 135 11.97 3.99 11.72
N PHE A 136 12.03 5.32 11.89
CA PHE A 136 11.49 6.03 13.05
C PHE A 136 10.23 6.78 12.61
N LEU A 137 9.06 6.24 12.96
CA LEU A 137 7.79 6.82 12.50
C LEU A 137 7.26 7.75 13.59
N ALA A 138 7.54 9.05 13.43
CA ALA A 138 7.17 10.06 14.42
C ALA A 138 7.58 9.57 15.81
N ALA A 139 8.82 9.11 15.90
CA ALA A 139 9.26 8.37 17.07
C ALA A 139 10.31 9.16 17.84
N PHE A 140 10.63 8.63 19.02
CA PHE A 140 11.79 9.13 19.74
C PHE A 140 13.04 8.55 19.10
N LEU A 141 14.02 9.43 18.87
CA LEU A 141 15.26 9.09 18.19
C LEU A 141 16.41 9.42 19.13
N PRO A 142 16.81 8.48 19.98
CA PRO A 142 17.96 8.70 20.88
C PRO A 142 19.26 8.73 20.09
N ASP A 143 20.31 9.22 20.74
CA ASP A 143 21.62 9.31 20.09
C ASP A 143 22.63 8.54 20.93
N THR A 144 23.91 8.70 20.57
CA THR A 144 24.98 8.01 21.28
C THR A 144 25.79 8.93 22.17
N GLU A 145 25.68 10.25 21.96
CA GLU A 145 26.47 11.22 22.70
C GLU A 145 25.94 11.46 24.11
N HIS A 146 24.63 11.61 24.25
CA HIS A 146 24.03 11.89 25.55
C HIS A 146 23.35 10.65 26.13
N CYS A 147 22.89 10.79 27.37
CA CYS A 147 22.30 9.66 28.05
C CYS A 147 21.05 9.19 27.30
N PRO A 148 20.71 7.91 27.39
CA PRO A 148 19.59 7.39 26.59
C PRO A 148 18.27 8.15 26.78
N SER A 149 18.03 8.72 27.98
CA SER A 149 16.79 9.43 28.22
C SER A 149 16.81 10.86 27.69
N TYR A 150 17.84 11.25 26.92
CA TYR A 150 18.04 12.65 26.55
C TYR A 150 16.85 13.22 25.78
N VAL A 151 16.38 12.51 24.75
CA VAL A 151 15.29 13.08 23.95
C VAL A 151 13.98 13.03 24.74
N LEU A 152 13.85 12.09 25.67
CA LEU A 152 12.68 12.08 26.53
C LEU A 152 12.71 13.22 27.53
N ASP A 153 13.90 13.54 28.04
CA ASP A 153 14.03 14.72 28.89
C ASP A 153 13.65 15.98 28.14
N LYS A 154 14.24 16.20 26.96
CA LYS A 154 13.90 17.38 26.18
C LYS A 154 12.40 17.43 25.88
N TYR A 155 11.80 16.28 25.55
CA TYR A 155 10.38 16.23 25.28
C TYR A 155 9.57 16.77 26.46
N ASN A 156 9.89 16.31 27.68
CA ASN A 156 9.11 16.73 28.85
C ASN A 156 9.30 18.21 29.19
N GLU A 157 10.49 18.78 28.91
CA GLU A 157 10.70 20.21 29.16
C GLU A 157 9.86 21.08 28.23
N VAL A 158 9.57 20.62 27.01
CA VAL A 158 8.83 21.44 26.07
C VAL A 158 7.37 21.03 25.96
N THR A 159 6.95 20.04 26.71
CA THR A 159 5.56 19.62 26.64
C THR A 159 4.82 20.18 27.86
N PRO A 160 3.94 21.16 27.68
CA PRO A 160 3.10 21.62 28.80
C PRO A 160 2.43 20.44 29.50
N ALA A 161 2.36 20.52 30.84
CA ALA A 161 1.74 19.43 31.58
C ALA A 161 0.25 19.35 31.30
N GLU A 162 -0.38 20.47 30.95
CA GLU A 162 -1.79 20.43 30.59
C GLU A 162 -2.07 19.51 29.41
N ASN A 163 -1.09 19.31 28.51
CA ASN A 163 -1.32 18.52 27.30
C ASN A 163 -1.69 17.07 27.58
N TRP A 164 -1.38 16.56 28.77
CA TRP A 164 -1.70 15.17 29.05
C TRP A 164 -3.16 14.94 29.40
N LEU A 165 -3.95 16.01 29.58
CA LEU A 165 -5.39 15.91 29.82
C LEU A 165 -5.70 14.89 30.92
N ASP A 166 -6.49 13.86 30.61
CA ASP A 166 -6.93 12.90 31.62
C ASP A 166 -6.01 11.68 31.73
N THR A 167 -4.80 11.73 31.19
CA THR A 167 -3.86 10.63 31.42
C THR A 167 -3.64 10.42 32.91
N THR A 168 -3.57 9.17 33.33
CA THR A 168 -3.34 8.87 34.73
C THR A 168 -1.88 8.47 34.91
N PHE A 169 -1.24 8.99 35.95
CA PHE A 169 0.13 8.63 36.27
C PHE A 169 0.13 7.88 37.59
N PHE A 170 1.08 6.96 37.73
CA PHE A 170 1.09 6.07 38.88
C PHE A 170 2.52 5.62 39.13
N THR A 171 2.76 5.11 40.34
CA THR A 171 4.09 4.64 40.72
C THR A 171 3.98 3.21 41.22
N TYR A 172 5.05 2.46 40.98
CA TYR A 172 5.21 1.13 41.51
C TYR A 172 6.69 0.93 41.75
N THR A 173 7.01 -0.18 42.43
CA THR A 173 8.39 -0.53 42.76
C THR A 173 8.69 -1.89 42.16
N LYS A 174 9.83 -2.00 41.50
CA LYS A 174 10.24 -3.24 40.88
C LYS A 174 11.74 -3.40 40.99
N ASP A 175 12.18 -4.60 41.37
CA ASP A 175 13.61 -4.91 41.52
C ASP A 175 14.31 -3.85 42.35
N GLY A 176 13.58 -3.24 43.30
CA GLY A 176 14.11 -2.23 44.17
C GLY A 176 13.97 -0.80 43.68
N LYS A 177 13.58 -0.59 42.43
CA LYS A 177 13.48 0.75 41.87
C LYS A 177 12.02 1.21 41.85
N GLU A 178 11.82 2.50 42.17
CA GLU A 178 10.53 3.14 41.96
C GLU A 178 10.41 3.58 40.50
N ILE A 179 9.28 3.29 39.88
CA ILE A 179 9.06 3.60 38.46
C ILE A 179 7.72 4.29 38.33
N THR A 180 7.67 5.31 37.49
CA THR A 180 6.45 6.06 37.23
C THR A 180 5.87 5.63 35.89
N GLY A 181 4.60 5.25 35.89
CA GLY A 181 3.90 4.78 34.72
C GLY A 181 2.84 5.77 34.31
N MET A 182 2.19 5.46 33.19
CA MET A 182 1.13 6.33 32.70
C MET A 182 0.12 5.48 31.93
N PHE A 183 -1.10 5.98 31.88
CA PHE A 183 -2.21 5.29 31.24
C PHE A 183 -3.06 6.34 30.56
N PHE A 184 -2.99 6.38 29.23
CA PHE A 184 -3.70 7.38 28.45
C PHE A 184 -5.20 7.29 28.69
N GLY A 185 -5.83 8.44 28.95
CA GLY A 185 -7.25 8.49 29.17
C GLY A 185 -8.01 8.81 27.89
N PRO A 186 -9.34 8.68 27.95
CA PRO A 186 -10.13 8.83 26.72
C PRO A 186 -10.01 10.20 26.08
N LYS A 187 -9.93 11.30 26.85
CA LYS A 187 -9.83 12.61 26.20
C LYS A 187 -8.43 12.84 25.63
N PHE A 188 -7.38 12.43 26.35
CA PHE A 188 -6.05 12.50 25.77
C PHE A 188 -6.00 11.76 24.44
N LEU A 189 -6.47 10.50 24.43
CA LEU A 189 -6.53 9.73 23.20
C LEU A 189 -7.32 10.48 22.13
N ALA A 190 -8.54 10.90 22.46
CA ALA A 190 -9.39 11.59 21.50
C ALA A 190 -8.73 12.85 20.94
N HIS A 191 -8.19 13.70 21.83
CA HIS A 191 -7.72 15.02 21.38
C HIS A 191 -6.27 15.02 20.87
N LYS A 192 -5.39 14.26 21.50
CA LYS A 192 -3.96 14.32 21.17
C LYS A 192 -3.48 13.21 20.23
N LEU A 193 -4.06 12.02 20.28
CA LEU A 193 -3.50 10.94 19.44
C LEU A 193 -4.40 10.56 18.25
N TYR A 194 -5.71 10.54 18.43
CA TYR A 194 -6.64 10.00 17.42
C TYR A 194 -7.47 11.10 16.76
N GLN A 195 -6.99 12.34 16.77
CA GLN A 195 -7.92 13.42 16.44
C GLN A 195 -8.29 13.44 14.97
N LEU A 196 -7.56 12.73 14.12
CA LEU A 196 -7.93 12.60 12.72
C LEU A 196 -8.43 11.21 12.38
N CYS A 197 -8.74 10.38 13.38
CA CYS A 197 -9.22 9.02 13.13
C CYS A 197 -10.73 8.95 13.32
N GLY A 198 -11.37 8.03 12.60
CA GLY A 198 -12.78 7.82 12.75
C GLY A 198 -13.09 7.19 14.09
N PRO A 199 -14.38 7.17 14.47
CA PRO A 199 -14.74 6.62 15.77
C PRO A 199 -14.55 5.12 15.87
N GLU A 200 -14.45 4.40 14.75
CA GLU A 200 -14.22 2.96 14.82
C GLU A 200 -12.79 2.61 15.19
N GLU A 201 -11.80 3.41 14.81
CA GLU A 201 -10.44 3.16 15.30
C GLU A 201 -10.27 3.65 16.73
N TYR A 202 -10.83 4.83 17.04
CA TYR A 202 -10.78 5.37 18.39
C TYR A 202 -11.39 4.41 19.39
N GLU A 203 -12.50 3.76 19.02
CA GLU A 203 -13.14 2.82 19.95
C GLU A 203 -12.20 1.67 20.28
N LEU A 204 -11.40 1.25 19.30
CA LEU A 204 -10.42 0.18 19.53
C LEU A 204 -9.41 0.60 20.58
N ALA A 205 -8.98 1.87 20.54
CA ALA A 205 -8.08 2.42 21.56
C ALA A 205 -8.70 2.41 22.95
N LYS A 206 -9.94 2.85 23.09
CA LYS A 206 -10.53 2.84 24.43
C LYS A 206 -10.63 1.42 24.97
N MET A 207 -10.85 0.47 24.08
CA MET A 207 -11.06 -0.93 24.44
C MET A 207 -9.76 -1.64 24.77
N LEU A 208 -8.62 -1.17 24.23
CA LEU A 208 -7.40 -1.96 24.24
C LEU A 208 -6.18 -1.30 24.89
N VAL A 209 -6.16 0.02 25.12
CA VAL A 209 -4.97 0.64 25.68
C VAL A 209 -4.76 0.14 27.10
N ARG A 210 -3.50 -0.07 27.47
CA ARG A 210 -3.13 -0.58 28.77
C ARG A 210 -2.06 0.31 29.40
N LYS A 211 -1.83 0.12 30.69
CA LYS A 211 -0.83 0.89 31.41
C LYS A 211 0.55 0.64 30.81
N SER A 212 1.39 1.66 30.82
CA SER A 212 2.73 1.58 30.28
C SER A 212 3.66 2.44 31.15
N SER A 213 4.88 2.69 30.67
CA SER A 213 5.84 3.52 31.36
C SER A 213 6.92 3.99 30.39
N LEU A 214 7.52 5.15 30.69
CA LEU A 214 8.69 5.57 29.96
C LEU A 214 9.99 5.18 30.66
N PHE A 215 9.92 4.64 31.88
CA PHE A 215 11.11 4.15 32.58
C PHE A 215 12.19 5.23 32.64
N MET A 216 11.76 6.48 32.86
CA MET A 216 12.66 7.61 32.62
C MET A 216 13.80 7.65 33.62
N ASN A 217 13.54 7.36 34.89
CA ASN A 217 14.65 7.34 35.83
C ASN A 217 15.50 6.10 35.65
N ILE A 218 14.90 4.97 35.27
CA ILE A 218 15.68 3.79 34.90
C ILE A 218 16.57 4.11 33.71
N LEU A 219 16.03 4.83 32.72
CA LEU A 219 16.82 5.24 31.56
C LEU A 219 17.91 6.24 31.91
N ALA A 220 17.77 6.98 33.02
CA ALA A 220 18.78 7.96 33.39
C ALA A 220 20.07 7.29 33.86
N LYS A 221 19.96 6.13 34.53
CA LYS A 221 21.11 5.37 35.02
C LYS A 221 21.58 4.29 34.06
N ARG A 222 21.08 4.26 32.81
CA ARG A 222 21.42 3.21 31.86
C ARG A 222 22.68 3.56 31.08
N PRO A 223 23.53 2.57 30.75
CA PRO A 223 24.62 2.81 29.79
C PRO A 223 24.11 3.49 28.53
N PHE A 224 24.92 4.40 27.98
CA PHE A 224 24.59 5.06 26.74
C PHE A 224 24.46 4.06 25.61
N PHE A 225 23.76 4.46 24.55
CA PHE A 225 23.73 3.68 23.32
C PHE A 225 25.08 3.80 22.62
N THR A 226 25.61 2.68 22.13
CA THR A 226 26.97 2.64 21.62
C THR A 226 27.03 3.07 20.15
N LYS A 227 28.13 3.75 19.79
CA LYS A 227 28.34 4.10 18.38
C LYS A 227 28.64 2.87 17.54
N GLU A 228 29.25 1.85 18.14
CA GLU A 228 29.56 0.62 17.43
C GLU A 228 28.29 -0.14 17.06
N GLY A 229 27.32 -0.19 17.96
CA GLY A 229 26.08 -0.91 17.70
C GLY A 229 25.01 -0.07 17.05
N TYR A 230 24.24 0.64 17.89
CA TYR A 230 23.12 1.44 17.41
C TYR A 230 23.57 2.52 16.42
N GLY A 231 24.71 3.17 16.69
CA GLY A 231 25.17 4.21 15.78
C GLY A 231 25.53 3.71 14.40
N SER A 232 25.82 2.41 14.26
CA SER A 232 26.25 1.90 12.95
C SER A 232 25.08 1.74 11.98
N ILE A 233 23.87 1.41 12.47
CA ILE A 233 22.80 0.99 11.57
C ILE A 233 22.23 2.20 10.85
N LYS A 234 21.64 1.97 9.68
CA LYS A 234 21.09 3.05 8.87
C LYS A 234 19.71 3.44 9.38
N LYS A 235 19.42 4.74 9.35
CA LYS A 235 18.28 5.29 10.09
C LYS A 235 17.44 6.19 9.18
N ILE A 236 16.15 5.92 9.13
CA ILE A 236 15.19 6.72 8.37
C ILE A 236 14.17 7.31 9.33
N TYR A 237 13.90 8.61 9.18
CA TYR A 237 12.91 9.32 9.99
C TYR A 237 11.76 9.77 9.11
N VAL A 238 10.54 9.45 9.52
CA VAL A 238 9.32 9.85 8.84
C VAL A 238 8.56 10.74 9.80
N TRP A 239 8.47 12.03 9.51
CA TRP A 239 7.83 12.93 10.45
C TRP A 239 6.46 13.33 9.94
N THR A 240 5.57 13.58 10.89
CA THR A 240 4.17 13.88 10.65
C THR A 240 3.89 15.33 11.04
N ASP A 241 3.01 15.95 10.27
CA ASP A 241 2.77 17.38 10.37
C ASP A 241 1.60 17.75 11.30
N GLN A 242 0.79 16.77 11.73
CA GLN A 242 -0.30 17.04 12.66
C GLN A 242 -0.27 16.14 13.90
N ASP A 243 0.90 15.70 14.31
CA ASP A 243 1.01 14.89 15.52
C ASP A 243 0.88 15.82 16.73
N LYS A 244 -0.22 15.70 17.47
CA LYS A 244 -0.43 16.47 18.69
C LYS A 244 0.04 15.74 19.93
N GLY A 245 0.66 14.56 19.77
CA GLY A 245 1.32 13.91 20.89
C GLY A 245 2.80 14.22 20.95
N ILE A 246 3.44 14.09 19.79
CA ILE A 246 4.82 14.50 19.57
C ILE A 246 4.80 15.52 18.44
N PRO A 247 4.79 16.81 18.75
CA PRO A 247 4.53 17.83 17.73
C PRO A 247 5.66 17.90 16.72
N PRO A 248 5.38 18.39 15.51
CA PRO A 248 6.39 18.33 14.44
C PRO A 248 7.68 19.07 14.78
N GLU A 249 7.58 20.15 15.55
CA GLU A 249 8.77 20.90 15.93
C GLU A 249 9.71 20.04 16.75
N PHE A 250 9.17 19.18 17.61
CA PHE A 250 10.04 18.30 18.37
C PHE A 250 10.63 17.21 17.49
N GLN A 251 9.83 16.69 16.55
CA GLN A 251 10.35 15.69 15.62
C GLN A 251 11.51 16.26 14.82
N LEU A 252 11.35 17.49 14.32
CA LEU A 252 12.39 18.17 13.56
C LEU A 252 13.62 18.45 14.41
N TRP A 253 13.42 18.87 15.67
CA TRP A 253 14.55 19.02 16.59
C TRP A 253 15.32 17.72 16.73
N GLN A 254 14.62 16.59 16.84
CA GLN A 254 15.31 15.31 16.97
C GLN A 254 16.16 15.02 15.75
N ILE A 255 15.64 15.34 14.57
CA ILE A 255 16.40 15.15 13.33
C ILE A 255 17.70 15.96 13.37
N GLU A 256 17.58 17.27 13.66
CA GLU A 256 18.75 18.12 13.82
C GLU A 256 19.74 17.55 14.83
N ASN A 257 19.23 17.08 15.97
CA ASN A 257 20.12 16.60 17.02
C ASN A 257 20.89 15.35 16.60
N TYR A 258 20.33 14.58 15.67
CA TYR A 258 20.95 13.30 15.30
C TYR A 258 20.54 13.02 13.86
N LYS A 259 21.32 13.52 12.92
CA LYS A 259 20.93 13.54 11.52
C LYS A 259 20.83 12.12 10.99
N PRO A 260 19.66 11.68 10.54
CA PRO A 260 19.52 10.35 9.95
C PRO A 260 19.84 10.33 8.47
N ASP A 261 20.08 9.11 7.97
CA ASP A 261 20.50 8.92 6.59
C ASP A 261 19.44 9.35 5.57
N LYS A 262 18.17 9.40 5.96
CA LYS A 262 17.11 9.81 5.05
C LYS A 262 15.91 10.24 5.87
N VAL A 263 15.18 11.25 5.36
CA VAL A 263 14.02 11.82 6.03
C VAL A 263 12.86 11.86 5.04
N TYR A 264 11.65 11.58 5.51
CA TYR A 264 10.43 11.68 4.70
C TYR A 264 9.37 12.45 5.46
N LYS A 265 8.45 13.06 4.74
CA LYS A 265 7.37 13.81 5.37
C LYS A 265 6.02 13.25 4.95
N VAL A 266 5.19 12.95 5.95
CA VAL A 266 3.81 12.55 5.75
C VAL A 266 2.92 13.71 6.20
N GLU A 267 2.29 14.39 5.25
CA GLU A 267 1.36 15.47 5.55
C GLU A 267 -0.04 14.90 5.79
N GLY A 268 -0.71 15.42 6.82
CA GLY A 268 -2.04 14.96 7.20
C GLY A 268 -2.08 13.77 8.11
N GLY A 269 -0.94 13.39 8.70
CA GLY A 269 -0.88 12.29 9.63
C GLY A 269 -0.98 12.81 11.06
N ASP A 270 -1.91 12.24 11.83
CA ASP A 270 -1.92 12.51 13.25
C ASP A 270 -0.88 11.59 13.90
N HIS A 271 -0.95 11.49 15.23
CA HIS A 271 -0.11 10.55 15.96
C HIS A 271 -0.24 9.14 15.40
N MET A 272 -1.45 8.76 15.02
CA MET A 272 -1.73 7.39 14.63
C MET A 272 -1.66 7.27 13.11
N ALA A 273 -0.54 7.73 12.56
CA ALA A 273 -0.41 7.82 11.11
C ALA A 273 -0.43 6.47 10.41
N MET A 274 -0.08 5.37 11.09
CA MET A 274 -0.24 4.08 10.43
C MET A 274 -1.71 3.72 10.23
N LEU A 275 -2.63 4.47 10.83
CA LEU A 275 -4.07 4.31 10.65
C LEU A 275 -4.66 5.34 9.71
N THR A 276 -4.19 6.60 9.75
CA THR A 276 -4.78 7.64 8.91
C THR A 276 -4.03 7.83 7.60
N LYS A 277 -2.77 7.42 7.51
CA LYS A 277 -1.99 7.58 6.29
C LYS A 277 -1.31 6.25 5.92
N THR A 278 -2.05 5.15 6.13
CA THR A 278 -1.48 3.82 5.92
C THR A 278 -0.80 3.68 4.57
N LYS A 279 -1.48 4.10 3.50
CA LYS A 279 -0.97 3.87 2.16
C LYS A 279 0.32 4.65 1.93
N GLU A 280 0.34 5.93 2.34
CA GLU A 280 1.55 6.75 2.27
C GLU A 280 2.73 6.05 2.94
N ILE A 281 2.53 5.56 4.16
CA ILE A 281 3.62 4.91 4.88
C ILE A 281 4.07 3.64 4.16
N ALA A 282 3.13 2.89 3.58
CA ALA A 282 3.54 1.69 2.87
C ALA A 282 4.41 2.07 1.67
N GLU A 283 4.05 3.13 0.95
CA GLU A 283 4.89 3.58 -0.16
C GLU A 283 6.29 3.97 0.32
N ILE A 284 6.40 4.61 1.48
CA ILE A 284 7.70 4.98 2.02
C ILE A 284 8.50 3.72 2.36
N LEU A 285 7.86 2.78 3.05
CA LEU A 285 8.56 1.56 3.45
C LEU A 285 9.01 0.74 2.24
N GLN A 286 8.28 0.83 1.12
CA GLN A 286 8.73 0.14 -0.09
C GLN A 286 10.02 0.75 -0.61
N GLU A 287 10.09 2.08 -0.64
CA GLU A 287 11.32 2.78 -1.02
C GLU A 287 12.48 2.42 -0.08
N VAL A 288 12.24 2.40 1.23
CA VAL A 288 13.29 1.99 2.17
C VAL A 288 13.79 0.59 1.83
N ALA A 289 12.86 -0.36 1.68
CA ALA A 289 13.25 -1.72 1.36
C ALA A 289 14.04 -1.78 0.04
N ASP A 290 13.66 -0.93 -0.92
CA ASP A 290 14.35 -0.83 -2.20
C ASP A 290 15.74 -0.20 -2.06
N THR A 291 15.99 0.58 -1.00
CA THR A 291 17.25 1.29 -0.78
C THR A 291 18.19 0.51 0.13
N TYR A 292 17.68 -0.09 1.20
CA TYR A 292 18.51 -0.81 2.17
C TYR A 292 18.17 -2.29 2.20
N ALA B 36 12.13 -16.90 -22.16
CA ALA B 36 10.95 -17.56 -22.70
C ALA B 36 10.22 -16.68 -23.73
N PHE B 37 9.61 -17.30 -24.74
CA PHE B 37 8.75 -16.59 -25.70
C PHE B 37 7.30 -16.95 -25.44
N ALA B 38 6.46 -15.91 -25.37
CA ALA B 38 5.07 -16.03 -24.95
C ALA B 38 4.17 -15.41 -26.01
N HIS B 39 2.88 -15.73 -25.90
CA HIS B 39 1.84 -15.06 -26.67
C HIS B 39 1.10 -14.11 -25.73
N PHE B 40 1.33 -12.80 -25.88
CA PHE B 40 0.67 -11.77 -25.07
C PHE B 40 -0.62 -11.31 -25.73
N VAL B 41 -1.67 -11.13 -24.94
CA VAL B 41 -2.94 -10.58 -25.44
C VAL B 41 -3.23 -9.32 -24.64
N LEU B 42 -3.15 -8.18 -25.34
CA LEU B 42 -3.28 -6.86 -24.73
C LEU B 42 -4.72 -6.39 -24.82
N VAL B 43 -5.29 -6.02 -23.67
CA VAL B 43 -6.70 -5.62 -23.55
C VAL B 43 -6.76 -4.21 -22.96
N HIS B 44 -7.32 -3.28 -23.72
CA HIS B 44 -7.36 -1.87 -23.39
C HIS B 44 -8.45 -1.59 -22.35
N GLY B 45 -8.47 -0.34 -21.90
CA GLY B 45 -9.45 0.12 -20.94
C GLY B 45 -10.56 0.94 -21.59
N ALA B 46 -11.31 1.64 -20.74
CA ALA B 46 -12.53 2.32 -21.16
C ALA B 46 -12.24 3.41 -22.17
N CYS B 47 -13.08 3.49 -23.21
CA CYS B 47 -13.08 4.51 -24.27
C CYS B 47 -11.89 4.37 -25.22
N HIS B 48 -11.05 3.36 -25.06
CA HIS B 48 -9.84 3.21 -25.85
C HIS B 48 -10.00 2.03 -26.80
N GLY B 49 -8.89 1.62 -27.39
CA GLY B 49 -8.89 0.55 -28.36
C GLY B 49 -7.51 -0.10 -28.42
N ALA B 50 -7.31 -0.96 -29.41
CA ALA B 50 -6.01 -1.60 -29.54
C ALA B 50 -4.93 -0.55 -29.68
N TRP B 51 -5.27 0.63 -30.18
CA TRP B 51 -4.29 1.67 -30.45
C TRP B 51 -3.57 2.13 -29.19
N SER B 52 -4.12 1.85 -27.99
CA SER B 52 -3.40 2.13 -26.76
C SER B 52 -2.04 1.48 -26.74
N TRP B 53 -1.92 0.32 -27.40
CA TRP B 53 -0.76 -0.55 -27.38
C TRP B 53 0.15 -0.32 -28.58
N HIS B 54 -0.02 0.79 -29.30
CA HIS B 54 0.72 1.00 -30.53
C HIS B 54 2.23 1.11 -30.29
N LYS B 55 2.66 1.47 -29.07
CA LYS B 55 4.09 1.47 -28.72
C LYS B 55 4.57 0.11 -28.20
N LEU B 56 3.81 -0.51 -27.30
CA LEU B 56 4.28 -1.72 -26.62
C LEU B 56 4.29 -2.92 -27.55
N LYS B 57 3.32 -3.01 -28.45
CA LYS B 57 3.20 -4.20 -29.29
C LYS B 57 4.43 -4.40 -30.18
N PRO B 58 4.96 -3.40 -30.89
CA PRO B 58 6.17 -3.68 -31.68
C PRO B 58 7.39 -3.95 -30.82
N LEU B 59 7.53 -3.29 -29.67
CA LEU B 59 8.63 -3.61 -28.76
C LEU B 59 8.58 -5.07 -28.33
N LEU B 60 7.40 -5.55 -27.94
CA LEU B 60 7.30 -6.94 -27.53
C LEU B 60 7.57 -7.86 -28.71
N GLU B 61 7.18 -7.46 -29.92
CA GLU B 61 7.49 -8.30 -31.09
C GLU B 61 8.98 -8.34 -31.37
N ALA B 62 9.68 -7.22 -31.17
CA ALA B 62 11.12 -7.17 -31.37
C ALA B 62 11.90 -7.98 -30.33
N LEU B 63 11.33 -8.22 -29.16
CA LEU B 63 11.86 -9.19 -28.20
C LEU B 63 11.45 -10.62 -28.54
N GLY B 64 10.68 -10.82 -29.61
CA GLY B 64 10.41 -12.15 -30.13
C GLY B 64 9.12 -12.81 -29.72
N HIS B 65 8.21 -12.08 -29.06
CA HIS B 65 6.94 -12.68 -28.65
C HIS B 65 5.88 -12.50 -29.74
N LYS B 66 4.85 -13.34 -29.68
CA LYS B 66 3.60 -13.04 -30.38
C LYS B 66 2.74 -12.10 -29.54
N VAL B 67 2.13 -11.12 -30.21
CA VAL B 67 1.30 -10.12 -29.53
C VAL B 67 -0.01 -9.95 -30.28
N THR B 68 -1.12 -10.16 -29.59
CA THR B 68 -2.47 -9.88 -30.09
C THR B 68 -3.01 -8.66 -29.33
N ALA B 69 -3.43 -7.64 -30.06
CA ALA B 69 -3.98 -6.43 -29.44
C ALA B 69 -5.37 -6.20 -30.02
N LEU B 70 -6.39 -6.37 -29.19
CA LEU B 70 -7.78 -6.44 -29.62
C LEU B 70 -8.49 -5.11 -29.45
N ASP B 71 -9.48 -4.86 -30.32
CA ASP B 71 -10.52 -3.88 -30.06
C ASP B 71 -11.66 -4.61 -29.36
N LEU B 72 -12.06 -4.17 -28.18
CA LEU B 72 -13.25 -4.74 -27.58
C LEU B 72 -14.50 -4.24 -28.33
N ALA B 73 -15.68 -4.66 -27.89
CA ALA B 73 -16.88 -4.25 -28.60
C ALA B 73 -17.06 -2.74 -28.52
N ALA B 74 -17.47 -2.15 -29.64
CA ALA B 74 -17.73 -0.71 -29.71
C ALA B 74 -16.49 0.12 -29.34
N SER B 75 -15.30 -0.43 -29.57
CA SER B 75 -14.06 0.24 -29.19
C SER B 75 -13.13 0.29 -30.40
N GLY B 76 -12.30 1.34 -30.48
CA GLY B 76 -11.39 1.44 -31.62
C GLY B 76 -12.18 1.49 -32.91
N VAL B 77 -11.79 0.66 -33.89
CA VAL B 77 -12.53 0.64 -35.15
C VAL B 77 -13.60 -0.45 -35.15
N ASP B 78 -13.92 -1.03 -34.01
CA ASP B 78 -15.00 -2.01 -34.00
C ASP B 78 -16.30 -1.36 -34.50
N PRO B 79 -17.10 -2.07 -35.32
CA PRO B 79 -18.24 -1.41 -35.99
C PRO B 79 -19.49 -1.24 -35.11
N ARG B 80 -19.60 -1.95 -33.99
CA ARG B 80 -20.76 -1.76 -33.14
C ARG B 80 -20.68 -0.44 -32.38
N GLN B 81 -21.85 0.08 -31.99
CA GLN B 81 -21.89 1.26 -31.13
C GLN B 81 -22.19 0.81 -29.71
N ILE B 82 -21.89 1.67 -28.74
CA ILE B 82 -22.01 1.25 -27.34
C ILE B 82 -23.45 0.86 -27.03
N GLU B 83 -24.42 1.47 -27.70
CA GLU B 83 -25.81 1.27 -27.36
C GLU B 83 -26.31 -0.11 -27.75
N GLU B 84 -25.58 -0.85 -28.60
CA GLU B 84 -25.86 -2.24 -28.90
C GLU B 84 -25.30 -3.21 -27.86
N ILE B 85 -24.54 -2.70 -26.87
CA ILE B 85 -23.85 -3.53 -25.89
C ILE B 85 -24.61 -3.46 -24.57
N GLY B 86 -25.08 -4.62 -24.11
CA GLY B 86 -25.96 -4.70 -22.97
C GLY B 86 -25.39 -5.38 -21.75
N SER B 87 -24.13 -5.80 -21.82
CA SER B 87 -23.52 -6.44 -20.66
C SER B 87 -22.01 -6.34 -20.78
N PHE B 88 -21.33 -6.50 -19.64
CA PHE B 88 -19.87 -6.56 -19.69
C PHE B 88 -19.40 -7.81 -20.42
N ASP B 89 -20.20 -8.87 -20.44
CA ASP B 89 -19.81 -10.04 -21.22
C ASP B 89 -19.95 -9.79 -22.72
N GLU B 90 -20.98 -9.03 -23.12
CA GLU B 90 -21.14 -8.64 -24.51
C GLU B 90 -19.98 -7.75 -24.95
N TYR B 91 -19.54 -6.87 -24.04
CA TYR B 91 -18.44 -5.94 -24.29
C TYR B 91 -17.13 -6.69 -24.47
N SER B 92 -16.96 -7.81 -23.76
CA SER B 92 -15.75 -8.63 -23.83
C SER B 92 -15.73 -9.60 -25.02
N GLU B 93 -16.79 -9.60 -25.85
CA GLU B 93 -16.94 -10.61 -26.90
C GLU B 93 -15.68 -10.83 -27.74
N PRO B 94 -15.02 -9.80 -28.30
CA PRO B 94 -13.82 -10.08 -29.10
C PRO B 94 -12.74 -10.81 -28.33
N LEU B 95 -12.62 -10.60 -27.01
CA LEU B 95 -11.63 -11.36 -26.25
C LEU B 95 -12.06 -12.81 -26.09
N LEU B 96 -13.34 -13.04 -25.77
CA LEU B 96 -13.81 -14.40 -25.55
C LEU B 96 -13.71 -15.22 -26.83
N THR B 97 -13.99 -14.58 -27.98
CA THR B 97 -13.89 -15.23 -29.28
C THR B 97 -12.45 -15.57 -29.61
N PHE B 98 -11.52 -14.66 -29.36
CA PHE B 98 -10.11 -14.98 -29.60
C PHE B 98 -9.67 -16.19 -28.79
N LEU B 99 -10.07 -16.24 -27.52
CA LEU B 99 -9.66 -17.33 -26.66
C LEU B 99 -10.33 -18.64 -27.05
N GLU B 100 -11.59 -18.59 -27.50
CA GLU B 100 -12.24 -19.81 -27.98
C GLU B 100 -11.47 -20.44 -29.12
N ALA B 101 -11.00 -19.63 -30.07
CA ALA B 101 -10.29 -20.13 -31.24
C ALA B 101 -8.81 -20.43 -30.97
N LEU B 102 -8.34 -20.36 -29.74
CA LEU B 102 -6.95 -20.70 -29.46
C LEU B 102 -6.76 -22.21 -29.64
N PRO B 103 -5.72 -22.65 -30.34
CA PRO B 103 -5.55 -24.09 -30.55
C PRO B 103 -5.18 -24.80 -29.27
N PRO B 104 -5.55 -26.08 -29.13
CA PRO B 104 -5.28 -26.79 -27.87
C PRO B 104 -3.80 -26.79 -27.52
N GLY B 105 -3.51 -26.71 -26.23
CA GLY B 105 -2.15 -26.67 -25.75
C GLY B 105 -1.46 -25.32 -25.89
N GLU B 106 -2.14 -24.31 -26.40
CA GLU B 106 -1.55 -22.98 -26.49
C GLU B 106 -2.04 -22.12 -25.33
N LYS B 107 -1.12 -21.42 -24.69
CA LYS B 107 -1.47 -20.58 -23.55
C LYS B 107 -0.95 -19.16 -23.77
N VAL B 108 -1.72 -18.19 -23.28
CA VAL B 108 -1.45 -16.78 -23.47
C VAL B 108 -1.27 -16.09 -22.12
N ILE B 109 -0.58 -14.96 -22.16
CA ILE B 109 -0.49 -14.06 -21.02
C ILE B 109 -1.41 -12.88 -21.31
N LEU B 110 -2.51 -12.77 -20.57
CA LEU B 110 -3.40 -11.62 -20.68
C LEU B 110 -2.77 -10.41 -20.01
N VAL B 111 -2.81 -9.26 -20.67
CA VAL B 111 -2.41 -7.98 -20.09
C VAL B 111 -3.61 -7.05 -20.20
N GLY B 112 -4.17 -6.67 -19.05
CA GLY B 112 -5.32 -5.78 -19.01
C GLY B 112 -4.93 -4.44 -18.39
N HIS B 113 -5.35 -3.38 -19.05
CA HIS B 113 -5.09 -2.02 -18.62
C HIS B 113 -6.40 -1.42 -18.11
N SER B 114 -6.42 -1.00 -16.85
CA SER B 114 -7.50 -0.20 -16.28
C SER B 114 -8.79 -1.03 -16.33
N LEU B 115 -9.86 -0.55 -16.98
CA LEU B 115 -11.06 -1.37 -17.12
C LEU B 115 -10.77 -2.72 -17.78
N GLY B 116 -9.70 -2.83 -18.57
CA GLY B 116 -9.32 -4.10 -19.16
C GLY B 116 -9.09 -5.21 -18.13
N GLY B 117 -8.79 -4.85 -16.87
CA GLY B 117 -8.66 -5.86 -15.84
C GLY B 117 -9.95 -6.61 -15.62
N MET B 118 -11.08 -5.95 -15.82
CA MET B 118 -12.30 -6.67 -15.59
C MET B 118 -12.65 -7.56 -16.77
N ASN B 119 -12.25 -7.16 -17.98
CA ASN B 119 -12.37 -8.03 -19.15
C ASN B 119 -11.55 -9.31 -18.97
N ILE B 120 -10.28 -9.19 -18.58
CA ILE B 120 -9.49 -10.41 -18.49
C ILE B 120 -10.00 -11.34 -17.40
N ALA B 121 -10.68 -10.82 -16.38
CA ALA B 121 -11.27 -11.68 -15.35
C ALA B 121 -12.44 -12.50 -15.89
N ILE B 122 -13.33 -11.86 -16.66
CA ILE B 122 -14.43 -12.59 -17.30
C ILE B 122 -13.86 -13.67 -18.22
N ALA B 123 -12.79 -13.36 -18.94
CA ALA B 123 -12.20 -14.33 -19.85
C ALA B 123 -11.56 -15.48 -19.10
N ALA B 124 -10.75 -15.16 -18.09
CA ALA B 124 -10.08 -16.20 -17.32
C ALA B 124 -11.09 -17.13 -16.65
N ASP B 125 -12.27 -16.62 -16.31
CA ASP B 125 -13.27 -17.48 -15.70
C ASP B 125 -13.84 -18.49 -16.70
N LYS B 126 -13.85 -18.15 -17.98
CA LYS B 126 -14.34 -19.10 -18.98
C LYS B 126 -13.25 -19.98 -19.58
N TYR B 127 -12.00 -19.50 -19.61
CA TYR B 127 -10.93 -20.15 -20.37
C TYR B 127 -9.66 -20.31 -19.55
N CYS B 128 -9.80 -20.64 -18.26
CA CYS B 128 -8.63 -20.58 -17.39
C CYS B 128 -7.51 -21.51 -17.86
N GLU B 129 -7.86 -22.64 -18.48
CA GLU B 129 -6.85 -23.58 -18.96
C GLU B 129 -5.95 -22.98 -20.04
N LYS B 130 -6.40 -21.94 -20.73
CA LYS B 130 -5.62 -21.25 -21.75
C LYS B 130 -4.78 -20.09 -21.23
N ILE B 131 -4.77 -19.83 -19.92
CA ILE B 131 -4.15 -18.62 -19.36
C ILE B 131 -2.90 -19.03 -18.59
N ALA B 132 -1.74 -18.63 -19.09
CA ALA B 132 -0.52 -18.82 -18.32
C ALA B 132 -0.47 -17.87 -17.12
N ALA B 133 -0.91 -16.63 -17.30
CA ALA B 133 -0.90 -15.61 -16.25
C ALA B 133 -1.73 -14.43 -16.74
N ALA B 134 -2.19 -13.61 -15.79
CA ALA B 134 -2.89 -12.36 -16.07
C ALA B 134 -2.12 -11.21 -15.44
N VAL B 135 -1.85 -10.17 -16.22
CA VAL B 135 -1.11 -9.01 -15.74
C VAL B 135 -2.08 -7.83 -15.67
N PHE B 136 -2.20 -7.23 -14.50
CA PHE B 136 -3.13 -6.13 -14.28
C PHE B 136 -2.32 -4.85 -14.29
N LEU B 137 -2.43 -4.09 -15.36
CA LEU B 137 -1.63 -2.87 -15.54
C LEU B 137 -2.45 -1.71 -14.98
N ALA B 138 -2.16 -1.32 -13.73
CA ALA B 138 -2.93 -0.30 -13.02
C ALA B 138 -4.42 -0.49 -13.28
N ALA B 139 -4.86 -1.75 -13.18
CA ALA B 139 -6.18 -2.13 -13.64
C ALA B 139 -7.11 -2.39 -12.47
N PHE B 140 -8.40 -2.52 -12.79
CA PHE B 140 -9.34 -3.04 -11.82
C PHE B 140 -9.06 -4.53 -11.60
N LEU B 141 -9.05 -4.92 -10.34
CA LEU B 141 -8.71 -6.30 -9.95
C LEU B 141 -9.88 -6.89 -9.17
N PRO B 142 -10.83 -7.50 -9.85
CA PRO B 142 -11.97 -8.09 -9.14
C PRO B 142 -11.51 -9.32 -8.36
N ASP B 143 -12.42 -9.83 -7.53
CA ASP B 143 -12.06 -10.95 -6.66
C ASP B 143 -13.19 -11.96 -6.69
N THR B 144 -13.08 -12.98 -5.83
CA THR B 144 -14.05 -14.07 -5.82
C THR B 144 -14.95 -14.06 -4.60
N GLU B 145 -14.63 -13.28 -3.57
CA GLU B 145 -15.48 -13.30 -2.38
C GLU B 145 -16.59 -12.24 -2.41
N HIS B 146 -16.47 -11.22 -3.25
CA HIS B 146 -17.51 -10.21 -3.43
C HIS B 146 -18.13 -10.31 -4.83
N CYS B 147 -19.18 -9.53 -5.07
CA CYS B 147 -19.83 -9.58 -6.38
C CYS B 147 -18.94 -8.92 -7.43
N PRO B 148 -19.18 -9.21 -8.72
CA PRO B 148 -18.23 -8.74 -9.75
C PRO B 148 -18.09 -7.23 -9.82
N SER B 149 -19.08 -6.46 -9.39
CA SER B 149 -18.98 -5.01 -9.43
C SER B 149 -18.17 -4.41 -8.28
N TYR B 150 -17.72 -5.23 -7.32
CA TYR B 150 -17.24 -4.73 -6.02
C TYR B 150 -16.16 -3.66 -6.15
N VAL B 151 -15.11 -3.92 -6.94
CA VAL B 151 -14.02 -2.94 -6.99
C VAL B 151 -14.47 -1.67 -7.71
N LEU B 152 -15.45 -1.78 -8.61
CA LEU B 152 -15.98 -0.62 -9.31
C LEU B 152 -16.87 0.22 -8.38
N ASP B 153 -17.60 -0.44 -7.49
CA ASP B 153 -18.37 0.29 -6.49
C ASP B 153 -17.45 1.04 -5.54
N LYS B 154 -16.41 0.37 -5.07
CA LYS B 154 -15.40 1.04 -4.24
C LYS B 154 -14.83 2.26 -4.94
N TYR B 155 -14.44 2.09 -6.21
CA TYR B 155 -13.88 3.19 -6.98
C TYR B 155 -14.85 4.35 -7.07
N ASN B 156 -16.12 4.06 -7.36
CA ASN B 156 -17.12 5.10 -7.40
C ASN B 156 -17.23 5.83 -6.05
N GLU B 157 -17.09 5.09 -4.95
CA GLU B 157 -17.29 5.70 -3.64
C GLU B 157 -16.20 6.72 -3.30
N VAL B 158 -15.00 6.56 -3.86
CA VAL B 158 -13.87 7.42 -3.56
C VAL B 158 -13.56 8.37 -4.72
N THR B 159 -14.37 8.37 -5.77
CA THR B 159 -14.11 9.21 -6.94
C THR B 159 -15.31 10.12 -7.13
N PRO B 160 -15.25 11.38 -6.69
CA PRO B 160 -16.37 12.30 -6.91
C PRO B 160 -16.50 12.66 -8.38
N ALA B 161 -17.73 13.00 -8.78
CA ALA B 161 -18.02 13.32 -10.17
C ALA B 161 -17.01 14.32 -10.75
N GLU B 162 -16.56 15.28 -9.93
CA GLU B 162 -15.62 16.29 -10.38
C GLU B 162 -14.27 15.73 -10.82
N ASN B 163 -13.85 14.56 -10.32
CA ASN B 163 -12.59 14.00 -10.80
C ASN B 163 -12.67 13.67 -12.29
N TRP B 164 -13.87 13.39 -12.81
CA TRP B 164 -13.99 13.08 -14.23
C TRP B 164 -13.91 14.32 -15.12
N LEU B 165 -13.78 15.51 -14.53
CA LEU B 165 -13.72 16.77 -15.25
C LEU B 165 -14.81 16.87 -16.32
N ASP B 166 -14.42 17.03 -17.60
CA ASP B 166 -15.34 17.31 -18.69
C ASP B 166 -15.86 16.04 -19.38
N THR B 167 -15.79 14.90 -18.71
CA THR B 167 -16.38 13.67 -19.25
C THR B 167 -17.88 13.84 -19.32
N THR B 168 -18.49 13.38 -20.42
CA THR B 168 -19.95 13.42 -20.55
C THR B 168 -20.52 12.06 -20.18
N PHE B 169 -21.57 12.06 -19.38
CA PHE B 169 -22.29 10.85 -19.00
C PHE B 169 -23.67 10.83 -19.62
N PHE B 170 -24.15 9.62 -19.91
CA PHE B 170 -25.43 9.48 -20.59
C PHE B 170 -26.05 8.14 -20.20
N THR B 171 -27.33 7.99 -20.51
CA THR B 171 -28.03 6.72 -20.34
C THR B 171 -28.60 6.25 -21.66
N TYR B 172 -28.62 4.93 -21.85
CA TYR B 172 -29.29 4.30 -22.98
C TYR B 172 -29.97 3.04 -22.49
N THR B 173 -30.87 2.48 -23.29
CA THR B 173 -31.55 1.27 -22.89
C THR B 173 -31.25 0.14 -23.87
N LYS B 174 -30.98 -1.04 -23.34
CA LYS B 174 -30.69 -2.22 -24.14
C LYS B 174 -31.21 -3.42 -23.36
N ASP B 175 -32.00 -4.28 -24.01
CA ASP B 175 -32.56 -5.49 -23.38
C ASP B 175 -33.24 -5.17 -22.05
N GLY B 176 -33.94 -4.03 -22.00
CA GLY B 176 -34.74 -3.70 -20.83
C GLY B 176 -33.96 -3.27 -19.62
N LYS B 177 -32.65 -3.11 -19.72
CA LYS B 177 -31.83 -2.55 -18.65
C LYS B 177 -31.37 -1.15 -19.04
N GLU B 178 -31.28 -0.27 -18.06
CA GLU B 178 -30.76 1.07 -18.28
C GLU B 178 -29.27 1.09 -17.91
N ILE B 179 -28.44 1.55 -18.83
CA ILE B 179 -27.00 1.48 -18.71
C ILE B 179 -26.45 2.91 -18.74
N THR B 180 -25.51 3.19 -17.87
CA THR B 180 -24.90 4.51 -17.84
C THR B 180 -23.65 4.47 -18.72
N GLY B 181 -23.65 5.27 -19.78
CA GLY B 181 -22.50 5.42 -20.65
C GLY B 181 -21.66 6.62 -20.23
N MET B 182 -20.48 6.71 -20.83
CA MET B 182 -19.52 7.73 -20.49
C MET B 182 -18.58 7.94 -21.67
N PHE B 183 -18.14 9.18 -21.83
CA PHE B 183 -17.31 9.61 -22.95
C PHE B 183 -16.28 10.58 -22.41
N PHE B 184 -15.01 10.15 -22.37
CA PHE B 184 -13.95 10.97 -21.78
C PHE B 184 -13.76 12.26 -22.58
N GLY B 185 -13.74 13.39 -21.87
CA GLY B 185 -13.55 14.68 -22.48
C GLY B 185 -12.09 15.06 -22.60
N PRO B 186 -11.80 16.09 -23.39
CA PRO B 186 -10.40 16.47 -23.64
C PRO B 186 -9.62 16.90 -22.40
N LYS B 187 -10.24 17.65 -21.49
CA LYS B 187 -9.54 18.02 -20.27
C LYS B 187 -9.24 16.79 -19.40
N PHE B 188 -10.22 15.89 -19.27
CA PHE B 188 -9.99 14.65 -18.52
C PHE B 188 -8.82 13.85 -19.10
N LEU B 189 -8.80 13.68 -20.42
CA LEU B 189 -7.67 12.98 -21.05
C LEU B 189 -6.35 13.67 -20.73
N ALA B 190 -6.29 14.98 -20.93
CA ALA B 190 -5.05 15.73 -20.76
C ALA B 190 -4.53 15.67 -19.32
N HIS B 191 -5.39 15.97 -18.34
CA HIS B 191 -4.92 16.15 -16.97
C HIS B 191 -5.01 14.90 -16.10
N LYS B 192 -5.93 13.98 -16.38
CA LYS B 192 -6.07 12.81 -15.52
C LYS B 192 -5.41 11.55 -16.09
N LEU B 193 -5.34 11.39 -17.42
CA LEU B 193 -4.89 10.14 -18.04
C LEU B 193 -3.56 10.26 -18.79
N TYR B 194 -3.25 11.40 -19.40
CA TYR B 194 -2.08 11.54 -20.25
C TYR B 194 -1.14 12.63 -19.77
N GLN B 195 -1.19 13.01 -18.48
CA GLN B 195 -0.46 14.20 -18.04
C GLN B 195 1.06 14.03 -18.06
N LEU B 196 1.57 12.82 -18.25
CA LEU B 196 3.00 12.63 -18.50
C LEU B 196 3.31 12.28 -19.94
N CYS B 197 2.30 11.97 -20.75
CA CYS B 197 2.54 11.72 -22.16
C CYS B 197 2.73 13.04 -22.88
N GLY B 198 3.41 13.00 -24.01
CA GLY B 198 3.50 14.21 -24.77
C GLY B 198 2.15 14.62 -25.34
N PRO B 199 2.10 15.77 -25.99
CA PRO B 199 0.84 16.19 -26.62
C PRO B 199 0.49 15.35 -27.86
N GLU B 200 1.45 14.64 -28.47
CA GLU B 200 1.11 13.87 -29.67
C GLU B 200 0.36 12.57 -29.33
N GLU B 201 0.57 12.02 -28.12
CA GLU B 201 -0.25 10.88 -27.68
C GLU B 201 -1.61 11.35 -27.16
N TYR B 202 -1.61 12.46 -26.42
CA TYR B 202 -2.86 13.05 -25.96
C TYR B 202 -3.77 13.40 -27.13
N GLU B 203 -3.20 13.94 -28.22
CA GLU B 203 -4.02 14.32 -29.37
C GLU B 203 -4.58 13.09 -30.08
N LEU B 204 -3.79 12.03 -30.16
CA LEU B 204 -4.28 10.77 -30.72
C LEU B 204 -5.51 10.30 -29.97
N ALA B 205 -5.46 10.35 -28.63
CA ALA B 205 -6.62 9.92 -27.84
C ALA B 205 -7.83 10.79 -28.10
N LYS B 206 -7.65 12.11 -28.16
CA LYS B 206 -8.76 13.00 -28.46
C LYS B 206 -9.42 12.63 -29.79
N MET B 207 -8.62 12.24 -30.78
CA MET B 207 -9.16 11.87 -32.10
C MET B 207 -9.66 10.45 -32.18
N LEU B 208 -9.53 9.64 -31.12
CA LEU B 208 -9.93 8.25 -31.23
C LEU B 208 -10.82 7.73 -30.11
N VAL B 209 -11.00 8.46 -29.00
CA VAL B 209 -11.82 7.90 -27.92
C VAL B 209 -13.26 7.76 -28.40
N ARG B 210 -13.96 6.80 -27.83
CA ARG B 210 -15.36 6.52 -28.15
C ARG B 210 -16.11 6.27 -26.85
N LYS B 211 -17.45 6.30 -26.93
CA LYS B 211 -18.24 6.10 -25.73
C LYS B 211 -18.05 4.70 -25.18
N SER B 212 -18.13 4.60 -23.85
CA SER B 212 -17.98 3.32 -23.20
C SER B 212 -18.90 3.28 -21.99
N SER B 213 -18.75 2.23 -21.19
CA SER B 213 -19.56 2.06 -19.99
C SER B 213 -18.82 1.13 -19.04
N LEU B 214 -18.98 1.40 -17.75
CA LEU B 214 -18.51 0.50 -16.71
C LEU B 214 -19.49 -0.62 -16.40
N PHE B 215 -20.73 -0.54 -16.89
CA PHE B 215 -21.73 -1.60 -16.72
C PHE B 215 -21.92 -2.02 -15.26
N MET B 216 -21.86 -1.07 -14.30
CA MET B 216 -21.78 -1.54 -12.91
C MET B 216 -23.06 -2.23 -12.47
N ASN B 217 -24.22 -1.66 -12.79
CA ASN B 217 -25.46 -2.25 -12.32
C ASN B 217 -25.70 -3.63 -12.94
N ILE B 218 -25.18 -3.88 -14.14
CA ILE B 218 -25.24 -5.22 -14.72
C ILE B 218 -24.26 -6.15 -14.02
N LEU B 219 -23.03 -5.68 -13.77
CA LEU B 219 -22.05 -6.51 -13.10
C LEU B 219 -22.50 -6.88 -11.69
N ALA B 220 -23.25 -5.99 -11.04
CA ALA B 220 -23.70 -6.21 -9.67
C ALA B 220 -24.65 -7.39 -9.60
N LYS B 221 -25.38 -7.68 -10.67
CA LYS B 221 -26.27 -8.83 -10.70
C LYS B 221 -25.69 -10.01 -11.45
N ARG B 222 -24.39 -9.95 -11.80
CA ARG B 222 -23.73 -11.05 -12.49
C ARG B 222 -23.23 -12.10 -11.48
N PRO B 223 -23.19 -13.37 -11.87
CA PRO B 223 -22.63 -14.39 -10.98
C PRO B 223 -21.17 -14.12 -10.64
N PHE B 224 -20.79 -14.52 -9.42
CA PHE B 224 -19.46 -14.26 -8.92
C PHE B 224 -18.40 -14.96 -9.74
N PHE B 225 -17.24 -14.31 -9.87
CA PHE B 225 -16.08 -15.01 -10.40
C PHE B 225 -15.75 -16.22 -9.54
N THR B 226 -15.46 -17.34 -10.20
CA THR B 226 -15.30 -18.60 -9.48
C THR B 226 -13.87 -18.77 -8.99
N LYS B 227 -13.73 -19.52 -7.89
CA LYS B 227 -12.41 -19.82 -7.35
C LYS B 227 -11.65 -20.79 -8.25
N GLU B 228 -12.37 -21.73 -8.84
CA GLU B 228 -11.75 -22.70 -9.74
C GLU B 228 -11.32 -22.07 -11.05
N GLY B 229 -12.05 -21.07 -11.53
CA GLY B 229 -11.69 -20.43 -12.77
C GLY B 229 -10.74 -19.27 -12.56
N TYR B 230 -11.31 -18.06 -12.53
CA TYR B 230 -10.50 -16.86 -12.30
C TYR B 230 -9.61 -17.02 -11.07
N GLY B 231 -10.13 -17.58 -9.98
CA GLY B 231 -9.33 -17.68 -8.76
C GLY B 231 -8.05 -18.46 -8.90
N SER B 232 -7.97 -19.36 -9.87
CA SER B 232 -6.80 -20.24 -10.01
C SER B 232 -5.68 -19.65 -10.84
N ILE B 233 -5.90 -18.54 -11.54
CA ILE B 233 -4.89 -18.00 -12.44
C ILE B 233 -3.86 -17.21 -11.65
N LYS B 234 -2.59 -17.28 -12.08
CA LYS B 234 -1.55 -16.44 -11.51
C LYS B 234 -1.80 -14.98 -11.88
N LYS B 235 -1.71 -14.06 -10.90
CA LYS B 235 -2.01 -12.66 -11.18
C LYS B 235 -0.83 -11.80 -10.79
N ILE B 236 -0.49 -10.87 -11.69
CA ILE B 236 0.61 -9.96 -11.51
C ILE B 236 0.02 -8.56 -11.59
N TYR B 237 0.17 -7.80 -10.51
CA TYR B 237 -0.27 -6.42 -10.52
C TYR B 237 0.92 -5.50 -10.79
N VAL B 238 0.73 -4.53 -11.67
CA VAL B 238 1.73 -3.53 -11.95
C VAL B 238 1.15 -2.19 -11.51
N TRP B 239 1.70 -1.65 -10.45
CA TRP B 239 1.10 -0.45 -9.90
C TRP B 239 1.96 0.76 -10.26
N THR B 240 1.29 1.87 -10.54
CA THR B 240 1.91 3.07 -11.07
C THR B 240 1.74 4.22 -10.07
N ASP B 241 2.82 4.95 -9.78
CA ASP B 241 2.74 5.98 -8.75
C ASP B 241 2.27 7.34 -9.24
N GLN B 242 2.06 7.55 -10.55
CA GLN B 242 1.62 8.86 -11.03
C GLN B 242 0.29 8.77 -11.78
N ASP B 243 -0.51 7.74 -11.53
CA ASP B 243 -1.79 7.54 -12.19
C ASP B 243 -2.86 8.43 -11.53
N LYS B 244 -3.31 9.44 -12.25
CA LYS B 244 -4.36 10.34 -11.78
C LYS B 244 -5.75 9.88 -12.17
N GLY B 245 -5.86 8.75 -12.86
CA GLY B 245 -7.12 8.17 -13.25
C GLY B 245 -7.58 7.11 -12.26
N ILE B 246 -6.72 6.14 -12.02
CA ILE B 246 -6.90 5.19 -10.93
C ILE B 246 -5.75 5.38 -9.95
N PRO B 247 -5.96 6.17 -8.89
CA PRO B 247 -4.84 6.67 -8.10
C PRO B 247 -4.09 5.54 -7.43
N PRO B 248 -2.80 5.74 -7.14
CA PRO B 248 -2.02 4.70 -6.47
C PRO B 248 -2.64 4.16 -5.20
N GLU B 249 -3.25 5.04 -4.38
CA GLU B 249 -3.95 4.62 -3.18
C GLU B 249 -5.01 3.58 -3.47
N PHE B 250 -5.75 3.79 -4.57
CA PHE B 250 -6.78 2.81 -4.90
C PHE B 250 -6.19 1.53 -5.50
N GLN B 251 -5.07 1.62 -6.22
CA GLN B 251 -4.41 0.40 -6.66
C GLN B 251 -3.91 -0.41 -5.47
N LEU B 252 -3.34 0.26 -4.47
CA LEU B 252 -2.87 -0.46 -3.28
C LEU B 252 -4.03 -1.08 -2.52
N TRP B 253 -5.16 -0.36 -2.43
CA TRP B 253 -6.35 -0.95 -1.80
C TRP B 253 -6.73 -2.25 -2.46
N GLN B 254 -6.70 -2.30 -3.80
CA GLN B 254 -7.03 -3.52 -4.54
C GLN B 254 -6.02 -4.64 -4.26
N ILE B 255 -4.75 -4.29 -4.31
CA ILE B 255 -3.68 -5.26 -3.99
C ILE B 255 -3.95 -5.92 -2.64
N GLU B 256 -4.34 -5.11 -1.66
CA GLU B 256 -4.58 -5.60 -0.31
C GLU B 256 -5.86 -6.42 -0.24
N ASN B 257 -6.89 -5.99 -0.97
CA ASN B 257 -8.15 -6.71 -0.98
C ASN B 257 -8.02 -8.12 -1.55
N TYR B 258 -7.09 -8.34 -2.48
CA TYR B 258 -7.00 -9.60 -3.21
C TYR B 258 -5.55 -9.79 -3.61
N LYS B 259 -4.77 -10.41 -2.74
CA LYS B 259 -3.33 -10.26 -2.88
C LYS B 259 -2.86 -10.97 -4.14
N PRO B 260 -2.08 -10.29 -4.98
CA PRO B 260 -1.62 -10.91 -6.23
C PRO B 260 -0.42 -11.83 -5.98
N ASP B 261 -0.11 -12.63 -6.98
CA ASP B 261 1.06 -13.49 -6.88
C ASP B 261 2.34 -12.66 -6.93
N LYS B 262 2.32 -11.54 -7.62
CA LYS B 262 3.52 -10.74 -7.78
C LYS B 262 3.11 -9.29 -7.98
N VAL B 263 3.91 -8.38 -7.46
CA VAL B 263 3.63 -6.95 -7.55
C VAL B 263 4.89 -6.29 -8.07
N TYR B 264 4.74 -5.44 -9.09
CA TYR B 264 5.79 -4.60 -9.62
C TYR B 264 5.35 -3.14 -9.44
N LYS B 265 6.31 -2.22 -9.42
CA LYS B 265 6.00 -0.81 -9.32
C LYS B 265 6.72 -0.08 -10.45
N VAL B 266 6.01 0.79 -11.15
CA VAL B 266 6.57 1.60 -12.22
C VAL B 266 6.59 3.04 -11.74
N GLU B 267 7.79 3.58 -11.55
CA GLU B 267 7.92 4.96 -11.09
C GLU B 267 7.86 5.86 -12.30
N GLY B 268 7.13 6.96 -12.17
CA GLY B 268 7.04 7.88 -13.28
C GLY B 268 6.06 7.48 -14.36
N GLY B 269 5.19 6.52 -14.09
CA GLY B 269 4.17 6.10 -15.05
C GLY B 269 2.82 6.71 -14.71
N ASP B 270 2.24 7.40 -15.67
CA ASP B 270 0.88 7.89 -15.49
C ASP B 270 -0.10 6.77 -15.84
N HIS B 271 -1.36 7.13 -16.01
CA HIS B 271 -2.40 6.17 -16.40
C HIS B 271 -2.01 5.39 -17.64
N MET B 272 -1.44 6.06 -18.65
CA MET B 272 -1.07 5.39 -19.91
C MET B 272 0.40 4.96 -19.87
N ALA B 273 0.71 4.05 -18.95
CA ALA B 273 2.11 3.72 -18.70
C ALA B 273 2.71 2.93 -19.85
N MET B 274 1.87 2.21 -20.60
CA MET B 274 2.32 1.54 -21.83
C MET B 274 2.76 2.52 -22.91
N LEU B 275 2.51 3.81 -22.73
CA LEU B 275 3.00 4.90 -23.57
C LEU B 275 4.11 5.72 -22.93
N THR B 276 4.02 6.00 -21.63
CA THR B 276 5.04 6.80 -20.95
C THR B 276 6.22 5.99 -20.47
N LYS B 277 6.04 4.70 -20.21
CA LYS B 277 7.08 3.85 -19.64
C LYS B 277 7.17 2.53 -20.41
N THR B 278 7.09 2.62 -21.75
CA THR B 278 6.95 1.43 -22.59
C THR B 278 8.06 0.42 -22.34
N LYS B 279 9.32 0.86 -22.35
CA LYS B 279 10.42 -0.09 -22.19
C LYS B 279 10.38 -0.80 -20.84
N GLU B 280 10.09 -0.06 -19.77
CA GLU B 280 9.98 -0.67 -18.45
C GLU B 280 8.83 -1.68 -18.41
N ILE B 281 7.69 -1.36 -19.02
CA ILE B 281 6.59 -2.33 -19.09
C ILE B 281 7.04 -3.58 -19.84
N ALA B 282 7.79 -3.40 -20.92
CA ALA B 282 8.27 -4.55 -21.68
C ALA B 282 9.20 -5.42 -20.83
N GLU B 283 10.08 -4.79 -20.04
CA GLU B 283 10.99 -5.56 -19.18
C GLU B 283 10.19 -6.38 -18.18
N ILE B 284 9.13 -5.81 -17.61
CA ILE B 284 8.31 -6.53 -16.65
C ILE B 284 7.60 -7.70 -17.31
N LEU B 285 7.01 -7.47 -18.48
CA LEU B 285 6.33 -8.54 -19.18
C LEU B 285 7.31 -9.64 -19.55
N GLN B 286 8.55 -9.28 -19.86
CA GLN B 286 9.57 -10.27 -20.15
C GLN B 286 9.82 -11.14 -18.93
N GLU B 287 9.98 -10.51 -17.78
CA GLU B 287 10.15 -11.27 -16.54
C GLU B 287 8.92 -12.15 -16.27
N VAL B 288 7.73 -11.64 -16.55
CA VAL B 288 6.52 -12.45 -16.38
C VAL B 288 6.57 -13.66 -17.31
N ALA B 289 6.93 -13.45 -18.58
CA ALA B 289 7.04 -14.59 -19.51
C ALA B 289 8.05 -15.60 -19.01
N ASP B 290 9.20 -15.13 -18.52
CA ASP B 290 10.22 -16.01 -17.96
C ASP B 290 9.71 -16.83 -16.77
N THR B 291 8.80 -16.27 -15.96
CA THR B 291 8.36 -16.93 -14.74
C THR B 291 7.16 -17.85 -14.95
N TYR B 292 6.13 -17.39 -15.68
CA TYR B 292 4.84 -18.10 -15.73
C TYR B 292 4.53 -18.68 -17.09
N ASN B 293 5.42 -18.57 -18.05
CA ASN B 293 5.17 -19.16 -19.36
C ASN B 293 6.25 -20.21 -19.67
#